data_4WH3
#
_entry.id   4WH3
#
_cell.length_a   44.030
_cell.length_b   88.471
_cell.length_c   105.219
_cell.angle_alpha   90.00
_cell.angle_beta   90.00
_cell.angle_gamma   90.00
#
_symmetry.space_group_name_H-M   'P 21 21 21'
#
loop_
_entity.id
_entity.type
_entity.pdbx_description
1 polymer 'N-acetylhexosamine 1-kinase'
2 non-polymer "ADENOSINE-5'-TRIPHOSPHATE"
3 non-polymer 'MAGNESIUM ION'
4 non-polymer GLYCEROL
5 non-polymer 'ACETIC ACID'
6 water water
#
_entity_poly.entity_id   1
_entity_poly.type   'polypeptide(L)'
_entity_poly.pdbx_seq_one_letter_code
;(MSE)TESNEVLFGIASHFALEGAVTGIEPYGDGHINTTYLVTTDGPRYILQQ(MSE)NTSIFPDTVNL(MSE)RNVELV
TSTLKAQGKETLDIVPTTSGATWAEIDGGAWRVYKFIEHTVSYNLVPNPDVFREAGSAFGDFQNFLSEFDASQLTETIAH
FHDTPHRFEDFKAALAADKLGRAAACQPEIDFYLSHADQYAVV(MSE)DGLRDGSIPLRVTHNDTKLNNIL(MSE)DATT
GKARAIIDLDTI(MSE)PGS(MSE)LFDFGDSIRFGASTALEDEKDLSKVHFSTELFRAYTEGFVGELRGSITAREAELL
PFSGNLLT(MSE)ECG(MSE)RFLADYLEGDIYFATKYPEHNLVRTRTQIKLVQE(MSE)EQKASETRAIVADI(MSE)E
AARLEHHHHHH
;
_entity_poly.pdbx_strand_id   A
#
loop_
_chem_comp.id
_chem_comp.type
_chem_comp.name
_chem_comp.formula
ACY non-polymer 'ACETIC ACID' 'C2 H4 O2'
ATP non-polymer ADENOSINE-5'-TRIPHOSPHATE 'C10 H16 N5 O13 P3'
GOL non-polymer GLYCEROL 'C3 H8 O3'
MG non-polymer 'MAGNESIUM ION' 'Mg 2'
#
# COMPACT_ATOMS: atom_id res chain seq x y z
N SER A 4 -9.56 -5.98 27.98
CA SER A 4 -10.85 -6.16 28.66
C SER A 4 -11.58 -4.84 28.87
N ASN A 5 -12.90 -4.93 29.07
CA ASN A 5 -13.80 -3.77 29.02
C ASN A 5 -13.46 -2.61 29.95
N GLU A 6 -13.06 -2.92 31.18
CA GLU A 6 -12.73 -1.89 32.15
C GLU A 6 -11.49 -1.10 31.71
N VAL A 7 -10.48 -1.82 31.23
CA VAL A 7 -9.29 -1.18 30.67
C VAL A 7 -9.65 -0.42 29.39
N LEU A 8 -10.43 -1.06 28.53
CA LEU A 8 -10.85 -0.45 27.26
C LEU A 8 -11.73 0.78 27.47
N PHE A 9 -12.73 0.68 28.35
CA PHE A 9 -13.59 1.81 28.66
C PHE A 9 -12.75 2.96 29.18
N GLY A 10 -11.78 2.63 30.04
CA GLY A 10 -10.86 3.64 30.57
C GLY A 10 -10.04 4.30 29.47
N ILE A 11 -9.52 3.47 28.56
CA ILE A 11 -8.77 3.98 27.41
C ILE A 11 -9.61 4.99 26.65
N ALA A 12 -10.87 4.63 26.39
CA ALA A 12 -11.75 5.47 25.59
C ALA A 12 -12.05 6.80 26.26
N SER A 13 -12.00 6.82 27.59
CA SER A 13 -12.27 8.04 28.35
C SER A 13 -11.25 9.13 28.06
N HIS A 14 -10.10 8.74 27.51
CA HIS A 14 -9.07 9.71 27.17
C HIS A 14 -9.43 10.52 25.93
N PHE A 15 -10.46 10.08 25.21
CA PHE A 15 -10.80 10.70 23.93
C PHE A 15 -12.12 11.47 23.93
N ALA A 16 -12.17 12.53 23.13
CA ALA A 16 -13.34 13.40 23.01
C ALA A 16 -14.45 12.80 22.15
N LEU A 17 -14.95 11.64 22.54
CA LEU A 17 -16.07 11.03 21.83
C LEU A 17 -17.31 11.91 22.00
N GLU A 18 -18.24 11.83 21.05
CA GLU A 18 -19.46 12.64 21.08
C GLU A 18 -20.65 11.79 21.50
N GLY A 19 -20.37 10.74 22.28
CA GLY A 19 -21.42 9.85 22.76
C GLY A 19 -20.97 9.05 23.97
N ALA A 20 -21.91 8.69 24.84
CA ALA A 20 -21.58 7.86 26.00
C ALA A 20 -21.27 6.44 25.55
N VAL A 21 -20.12 5.91 25.98
CA VAL A 21 -19.69 4.58 25.54
C VAL A 21 -20.59 3.47 26.08
N THR A 22 -20.86 2.49 25.24
CA THR A 22 -21.85 1.47 25.51
C THR A 22 -21.22 0.09 25.36
N GLY A 23 -20.19 0.03 24.52
CA GLY A 23 -19.48 -1.22 24.28
C GLY A 23 -18.20 -0.99 23.52
N ILE A 24 -17.24 -1.87 23.72
CA ILE A 24 -15.98 -1.86 22.97
C ILE A 24 -15.58 -3.30 22.76
N GLU A 25 -15.42 -3.71 21.50
CA GLU A 25 -15.07 -5.09 21.21
C GLU A 25 -14.09 -5.16 20.05
N PRO A 26 -13.33 -6.27 19.95
CA PRO A 26 -12.38 -6.48 18.85
C PRO A 26 -13.09 -6.35 17.51
N TYR A 27 -12.45 -5.71 16.53
CA TYR A 27 -13.10 -5.52 15.24
C TYR A 27 -12.13 -5.61 14.06
N GLY A 28 -12.60 -6.23 12.98
CA GLY A 28 -11.85 -6.23 11.74
C GLY A 28 -10.86 -7.37 11.61
N ASP A 29 -10.13 -7.37 10.50
CA ASP A 29 -9.15 -8.42 10.21
C ASP A 29 -7.76 -7.85 10.01
N GLY A 30 -7.46 -6.73 10.67
CA GLY A 30 -6.15 -6.12 10.60
C GLY A 30 -5.12 -6.92 11.37
N HIS A 31 -3.88 -6.93 10.90
CA HIS A 31 -2.83 -7.74 11.51
C HIS A 31 -1.69 -6.92 12.09
N ILE A 32 -1.73 -5.60 11.87
CA ILE A 32 -0.65 -4.74 12.35
C ILE A 32 -1.00 -4.04 13.67
N ASN A 33 -2.08 -3.26 13.67
CA ASN A 33 -2.55 -2.66 14.91
C ASN A 33 -3.59 -3.55 15.57
N THR A 34 -3.99 -3.19 16.79
CA THR A 34 -5.09 -3.91 17.43
C THR A 34 -6.32 -3.03 17.39
N THR A 35 -7.33 -3.50 16.66
CA THR A 35 -8.49 -2.67 16.32
C THR A 35 -9.73 -3.02 17.15
N TYR A 36 -10.38 -1.99 17.67
CA TYR A 36 -11.63 -2.17 18.41
C TYR A 36 -12.73 -1.30 17.84
N LEU A 37 -13.95 -1.84 17.83
CA LEU A 37 -15.14 -1.05 17.53
C LEU A 37 -15.77 -0.47 18.81
N VAL A 38 -15.82 0.86 18.88
CA VAL A 38 -16.45 1.54 20.01
C VAL A 38 -17.89 1.92 19.65
N THR A 39 -18.85 1.32 20.34
CA THR A 39 -20.26 1.68 20.16
C THR A 39 -20.68 2.61 21.29
N THR A 40 -21.43 3.66 20.95
CA THR A 40 -21.92 4.59 21.96
C THR A 40 -23.42 4.80 21.82
N ASP A 41 -23.98 5.60 22.72
CA ASP A 41 -25.36 6.06 22.55
C ASP A 41 -25.31 7.21 21.55
N GLY A 42 -24.97 6.88 20.31
CA GLY A 42 -24.76 7.87 19.28
C GLY A 42 -23.83 7.27 18.25
N PRO A 43 -22.86 8.06 17.79
CA PRO A 43 -21.97 7.64 16.69
C PRO A 43 -21.02 6.52 17.11
N ARG A 44 -20.38 5.87 16.15
CA ARG A 44 -19.43 4.80 16.46
C ARG A 44 -18.01 5.18 16.07
N TYR A 45 -17.03 4.51 16.68
CA TYR A 45 -15.63 4.86 16.50
C TYR A 45 -14.74 3.64 16.31
N ILE A 46 -13.61 3.85 15.63
CA ILE A 46 -12.57 2.85 15.59
C ILE A 46 -11.50 3.24 16.60
N LEU A 47 -11.16 2.31 17.48
CA LEU A 47 -10.11 2.53 18.47
C LEU A 47 -8.99 1.55 18.17
N GLN A 48 -7.77 2.06 18.04
CA GLN A 48 -6.64 1.20 17.74
C GLN A 48 -5.50 1.40 18.72
N GLN A 49 -4.94 0.29 19.17
CA GLN A 49 -3.63 0.33 19.82
C GLN A 49 -2.60 0.18 18.74
N MSE A 50 -1.77 1.22 18.60
CA MSE A 50 -0.78 1.27 17.54
C MSE A 50 0.37 0.31 17.79
O MSE A 50 0.82 0.16 18.94
CB MSE A 50 -0.27 2.69 17.38
CG MSE A 50 -1.17 3.54 16.51
SE MSE A 50 -0.68 5.41 16.53
CE MSE A 50 -1.43 5.85 18.23
N ASN A 51 0.84 -0.34 16.73
CA ASN A 51 1.96 -1.25 16.83
C ASN A 51 3.25 -0.43 16.88
N THR A 52 3.80 -0.23 18.07
CA THR A 52 5.00 0.59 18.21
C THR A 52 6.31 -0.20 18.04
N SER A 53 6.21 -1.51 17.91
CA SER A 53 7.37 -2.31 17.52
C SER A 53 7.73 -2.01 16.07
N ILE A 54 6.72 -2.06 15.19
CA ILE A 54 6.92 -1.77 13.79
C ILE A 54 7.09 -0.27 13.54
N PHE A 55 6.31 0.54 14.26
CA PHE A 55 6.40 2.00 14.10
C PHE A 55 6.77 2.68 15.42
N PRO A 56 8.07 2.68 15.76
CA PRO A 56 8.51 3.27 17.03
C PRO A 56 8.22 4.76 17.12
N ASP A 57 8.30 5.47 16.00
CA ASP A 57 8.16 6.92 16.01
C ASP A 57 6.71 7.34 15.80
N THR A 58 5.93 7.29 16.88
CA THR A 58 4.51 7.57 16.85
C THR A 58 4.22 9.03 16.51
N VAL A 59 5.04 9.93 17.02
CA VAL A 59 4.85 11.37 16.77
C VAL A 59 4.94 11.67 15.28
N ASN A 60 5.98 11.16 14.63
CA ASN A 60 6.13 11.39 13.19
C ASN A 60 5.07 10.69 12.35
N LEU A 61 4.72 9.46 12.72
CA LEU A 61 3.68 8.75 11.98
C LEU A 61 2.36 9.51 12.04
N MSE A 62 1.95 9.90 13.25
CA MSE A 62 0.70 10.60 13.41
C MSE A 62 0.73 11.99 12.77
O MSE A 62 -0.29 12.48 12.27
CB MSE A 62 0.29 10.66 14.89
CG MSE A 62 -0.17 9.31 15.43
SE MSE A 62 -1.68 8.57 14.39
CE MSE A 62 -3.04 9.91 14.87
N ARG A 63 1.91 12.60 12.75
CA ARG A 63 2.06 13.87 12.04
C ARG A 63 1.76 13.69 10.55
N ASN A 64 2.28 12.61 9.95
CA ASN A 64 2.00 12.33 8.55
C ASN A 64 0.51 12.14 8.30
N VAL A 65 -0.13 11.37 9.18
CA VAL A 65 -1.56 11.07 9.03
C VAL A 65 -2.41 12.35 9.19
N GLU A 66 -2.06 13.18 10.16
CA GLU A 66 -2.75 14.45 10.38
C GLU A 66 -2.67 15.37 9.17
N LEU A 67 -1.48 15.47 8.56
CA LEU A 67 -1.28 16.38 7.44
C LEU A 67 -2.11 15.97 6.24
N VAL A 68 -2.04 14.68 5.89
CA VAL A 68 -2.79 14.19 4.74
C VAL A 68 -4.29 14.26 4.96
N THR A 69 -4.76 13.77 6.10
CA THR A 69 -6.20 13.79 6.38
C THR A 69 -6.77 15.22 6.48
N SER A 70 -6.00 16.13 7.06
CA SER A 70 -6.45 17.52 7.17
C SER A 70 -6.65 18.14 5.79
N THR A 71 -5.73 17.84 4.87
CA THR A 71 -5.83 18.33 3.51
C THR A 71 -7.07 17.79 2.81
N LEU A 72 -7.35 16.49 2.99
CA LEU A 72 -8.53 15.90 2.39
C LEU A 72 -9.82 16.47 3.01
N LYS A 73 -9.86 16.55 4.34
CA LYS A 73 -11.01 17.13 5.04
C LYS A 73 -11.28 18.58 4.61
N ALA A 74 -10.22 19.36 4.48
CA ALA A 74 -10.35 20.77 4.08
C ALA A 74 -11.04 20.89 2.73
N GLN A 75 -10.93 19.85 1.91
CA GLN A 75 -11.53 19.86 0.57
C GLN A 75 -12.86 19.13 0.48
N GLY A 76 -13.41 18.74 1.62
CA GLY A 76 -14.70 18.05 1.66
C GLY A 76 -14.63 16.60 1.24
N LYS A 77 -13.44 16.00 1.36
CA LYS A 77 -13.24 14.61 0.97
C LYS A 77 -13.29 13.67 2.18
N GLU A 78 -13.93 12.53 1.98
CA GLU A 78 -14.05 11.55 3.06
C GLU A 78 -12.70 10.86 3.27
N THR A 79 -12.28 10.80 4.54
CA THR A 79 -11.00 10.21 4.89
C THR A 79 -11.04 9.75 6.33
N LEU A 80 -9.93 9.27 6.86
CA LEU A 80 -9.84 8.97 8.29
C LEU A 80 -9.96 10.28 9.07
N ASP A 81 -10.87 10.32 10.04
CA ASP A 81 -11.11 11.55 10.79
C ASP A 81 -10.68 11.27 12.23
N ILE A 82 -9.52 11.80 12.61
CA ILE A 82 -8.98 11.56 13.95
C ILE A 82 -9.80 12.27 15.01
N VAL A 83 -10.20 11.53 16.04
CA VAL A 83 -10.86 12.15 17.20
C VAL A 83 -9.78 12.45 18.23
N PRO A 84 -9.64 13.73 18.59
CA PRO A 84 -8.56 14.17 19.48
C PRO A 84 -8.71 13.64 20.91
N THR A 85 -7.62 13.62 21.67
CA THR A 85 -7.71 13.30 23.09
C THR A 85 -8.42 14.45 23.78
N THR A 86 -8.81 14.25 25.04
CA THR A 86 -9.42 15.32 25.82
C THR A 86 -8.47 16.50 26.00
N SER A 87 -7.19 16.28 25.70
CA SER A 87 -6.17 17.32 25.80
C SER A 87 -5.79 17.90 24.43
N GLY A 88 -6.47 17.45 23.39
CA GLY A 88 -6.29 18.00 22.05
C GLY A 88 -5.23 17.34 21.19
N ALA A 89 -4.68 16.22 21.65
CA ALA A 89 -3.66 15.50 20.90
C ALA A 89 -4.31 14.55 19.91
N THR A 90 -3.55 14.06 18.94
CA THR A 90 -4.09 13.17 17.93
C THR A 90 -4.01 11.72 18.35
N TRP A 91 -3.34 11.47 19.48
CA TRP A 91 -3.24 10.12 20.01
C TRP A 91 -2.86 10.20 21.48
N ALA A 92 -3.03 9.09 22.20
CA ALA A 92 -2.79 9.09 23.64
C ALA A 92 -1.76 8.04 24.08
N GLU A 93 -0.83 8.47 24.95
CA GLU A 93 0.06 7.52 25.60
C GLU A 93 -0.65 7.00 26.82
N ILE A 94 -0.87 5.69 26.87
CA ILE A 94 -1.61 5.09 27.96
C ILE A 94 -0.85 3.92 28.53
N ASP A 95 -0.31 4.10 29.73
CA ASP A 95 0.32 3.02 30.49
C ASP A 95 1.14 2.09 29.60
N GLY A 96 1.98 2.66 28.76
CA GLY A 96 2.82 1.89 27.86
C GLY A 96 2.40 1.91 26.39
N GLY A 97 1.11 1.98 26.13
CA GLY A 97 0.62 1.87 24.77
C GLY A 97 0.42 3.22 24.08
N ALA A 98 0.32 3.18 22.74
CA ALA A 98 -0.06 4.35 21.98
C ALA A 98 -1.39 4.04 21.33
N TRP A 99 -2.40 4.86 21.61
CA TRP A 99 -3.77 4.62 21.16
C TRP A 99 -4.28 5.80 20.36
N ARG A 100 -5.12 5.52 19.35
CA ARG A 100 -5.73 6.58 18.57
C ARG A 100 -7.18 6.20 18.29
N VAL A 101 -8.00 7.20 17.95
CA VAL A 101 -9.39 6.97 17.60
C VAL A 101 -9.76 7.63 16.27
N TYR A 102 -10.46 6.86 15.42
CA TYR A 102 -11.02 7.38 14.19
C TYR A 102 -12.53 7.29 14.24
N LYS A 103 -13.23 8.25 13.65
CA LYS A 103 -14.66 8.07 13.39
C LYS A 103 -14.86 6.81 12.54
N PHE A 104 -15.89 6.03 12.87
CA PHE A 104 -16.17 4.84 12.09
C PHE A 104 -16.77 5.26 10.75
N ILE A 105 -16.17 4.79 9.66
CA ILE A 105 -16.69 5.07 8.34
C ILE A 105 -17.80 4.05 8.05
N GLU A 106 -19.04 4.54 8.10
CA GLU A 106 -20.23 3.70 8.11
C GLU A 106 -20.71 3.32 6.72
N HIS A 107 -21.45 2.23 6.65
CA HIS A 107 -22.12 1.79 5.41
C HIS A 107 -21.13 1.49 4.30
N THR A 108 -20.08 0.73 4.64
CA THR A 108 -19.11 0.35 3.64
C THR A 108 -18.89 -1.16 3.63
N VAL A 109 -18.24 -1.61 2.55
CA VAL A 109 -17.72 -2.97 2.46
C VAL A 109 -16.31 -2.85 1.94
N SER A 110 -15.57 -3.96 1.97
CA SER A 110 -14.24 -3.98 1.39
C SER A 110 -13.86 -5.39 0.99
N TYR A 111 -12.89 -5.49 0.09
CA TYR A 111 -12.52 -6.77 -0.48
C TYR A 111 -11.09 -7.13 -0.12
N ASN A 112 -10.85 -8.43 -0.05
CA ASN A 112 -9.52 -8.97 0.12
C ASN A 112 -8.91 -9.20 -1.25
N LEU A 113 -9.33 -10.27 -1.89
CA LEU A 113 -8.89 -10.58 -3.24
C LEU A 113 -9.69 -9.72 -4.22
N VAL A 114 -9.09 -9.42 -5.37
CA VAL A 114 -9.82 -8.74 -6.43
C VAL A 114 -10.88 -9.71 -6.95
N PRO A 115 -12.18 -9.32 -6.84
CA PRO A 115 -13.26 -10.21 -7.26
C PRO A 115 -13.51 -10.18 -8.76
N ASN A 116 -13.35 -9.00 -9.37
CA ASN A 116 -13.55 -8.85 -10.81
C ASN A 116 -12.94 -7.53 -11.30
N PRO A 117 -12.84 -7.36 -12.63
CA PRO A 117 -12.29 -6.13 -13.18
C PRO A 117 -13.06 -4.87 -12.77
N ASP A 118 -14.37 -4.98 -12.56
CA ASP A 118 -15.16 -3.80 -12.24
C ASP A 118 -14.75 -3.24 -10.88
N VAL A 119 -14.54 -4.12 -9.91
CA VAL A 119 -14.11 -3.70 -8.60
C VAL A 119 -12.67 -3.20 -8.64
N PHE A 120 -11.85 -3.83 -9.47
CA PHE A 120 -10.46 -3.38 -9.61
C PHE A 120 -10.44 -1.98 -10.22
N ARG A 121 -11.36 -1.70 -11.14
CA ARG A 121 -11.43 -0.36 -11.71
C ARG A 121 -11.79 0.65 -10.63
N GLU A 122 -12.70 0.26 -9.74
CA GLU A 122 -13.11 1.18 -8.68
C GLU A 122 -11.97 1.40 -7.69
N ALA A 123 -11.11 0.40 -7.53
CA ALA A 123 -9.94 0.56 -6.67
C ALA A 123 -9.00 1.58 -7.30
N GLY A 124 -8.85 1.50 -8.62
CA GLY A 124 -8.03 2.46 -9.34
C GLY A 124 -8.60 3.86 -9.20
N SER A 125 -9.93 3.96 -9.30
CA SER A 125 -10.61 5.24 -9.11
C SER A 125 -10.37 5.78 -7.71
N ALA A 126 -10.41 4.91 -6.72
CA ALA A 126 -10.18 5.33 -5.35
C ALA A 126 -8.79 5.96 -5.18
N PHE A 127 -7.76 5.28 -5.67
CA PHE A 127 -6.41 5.81 -5.52
C PHE A 127 -6.09 6.96 -6.48
N GLY A 128 -6.77 7.00 -7.62
CA GLY A 128 -6.63 8.12 -8.54
C GLY A 128 -7.21 9.35 -7.87
N ASP A 129 -8.35 9.18 -7.21
CA ASP A 129 -8.99 10.29 -6.52
C ASP A 129 -8.12 10.77 -5.35
N PHE A 130 -7.58 9.81 -4.60
CA PHE A 130 -6.65 10.10 -3.52
C PHE A 130 -5.48 10.96 -4.03
N GLN A 131 -4.81 10.51 -5.08
CA GLN A 131 -3.74 11.27 -5.70
C GLN A 131 -4.20 12.65 -6.20
N ASN A 132 -5.35 12.69 -6.88
CA ASN A 132 -5.81 13.96 -7.45
C ASN A 132 -5.97 15.03 -6.38
N PHE A 133 -6.59 14.68 -5.27
CA PHE A 133 -6.89 15.68 -4.25
C PHE A 133 -5.72 15.96 -3.32
N LEU A 134 -4.61 15.26 -3.54
CA LEU A 134 -3.39 15.55 -2.85
C LEU A 134 -2.35 16.12 -3.81
N SER A 135 -2.77 16.42 -5.04
CA SER A 135 -1.82 16.87 -6.06
C SER A 135 -1.10 18.18 -5.72
N GLU A 136 -1.71 19.00 -4.86
CA GLU A 136 -1.08 20.27 -4.48
C GLU A 136 -0.52 20.26 -3.05
N PHE A 137 -0.55 19.09 -2.43
CA PHE A 137 0.07 18.91 -1.12
C PHE A 137 1.59 18.80 -1.29
N ASP A 138 2.35 19.50 -0.44
CA ASP A 138 3.81 19.43 -0.50
C ASP A 138 4.23 18.13 0.17
N ALA A 139 4.52 17.10 -0.63
CA ALA A 139 4.82 15.78 -0.10
C ALA A 139 6.10 15.78 0.70
N SER A 140 6.94 16.79 0.47
CA SER A 140 8.21 16.87 1.18
C SER A 140 8.03 17.07 2.69
N GLN A 141 6.86 17.54 3.13
CA GLN A 141 6.58 17.65 4.56
C GLN A 141 6.46 16.31 5.25
N LEU A 142 6.21 15.24 4.50
CA LEU A 142 6.02 13.93 5.11
C LEU A 142 7.37 13.28 5.41
N THR A 143 7.45 12.50 6.49
CA THR A 143 8.66 11.76 6.82
C THR A 143 8.56 10.30 6.38
N GLU A 144 9.72 9.66 6.19
CA GLU A 144 9.78 8.26 5.75
C GLU A 144 9.67 7.31 6.93
N THR A 145 8.45 6.92 7.23
CA THR A 145 8.13 6.06 8.37
C THR A 145 8.87 4.74 8.35
N ILE A 146 9.02 4.17 7.15
CA ILE A 146 9.92 3.05 6.95
C ILE A 146 10.93 3.52 5.90
N ALA A 147 12.15 3.81 6.33
CA ALA A 147 13.14 4.38 5.42
C ALA A 147 13.38 3.49 4.20
N HIS A 148 13.49 4.12 3.03
CA HIS A 148 13.88 3.45 1.80
C HIS A 148 12.85 2.43 1.34
N PHE A 149 11.59 2.61 1.75
CA PHE A 149 10.59 1.57 1.55
C PHE A 149 10.47 1.08 0.11
N HIS A 150 10.36 2.01 -0.84
CA HIS A 150 10.30 1.63 -2.25
C HIS A 150 11.47 2.23 -3.03
N ASP A 151 12.60 2.32 -2.34
CA ASP A 151 13.88 2.69 -2.92
C ASP A 151 14.49 1.40 -3.46
N THR A 152 14.17 1.07 -4.71
CA THR A 152 14.51 -0.26 -5.22
C THR A 152 16.02 -0.53 -5.27
N PRO A 153 16.82 0.47 -5.68
CA PRO A 153 18.27 0.30 -5.58
C PRO A 153 18.73 -0.07 -4.17
N HIS A 154 18.16 0.57 -3.16
CA HIS A 154 18.50 0.23 -1.78
C HIS A 154 18.09 -1.22 -1.48
N ARG A 155 16.89 -1.59 -1.93
CA ARG A 155 16.45 -2.98 -1.74
C ARG A 155 17.40 -3.95 -2.44
N PHE A 156 17.96 -3.53 -3.58
CA PHE A 156 18.87 -4.41 -4.31
C PHE A 156 20.18 -4.55 -3.57
N GLU A 157 20.61 -3.50 -2.90
CA GLU A 157 21.80 -3.61 -2.06
C GLU A 157 21.56 -4.61 -0.94
N ASP A 158 20.39 -4.50 -0.30
CA ASP A 158 20.00 -5.45 0.74
C ASP A 158 19.99 -6.87 0.18
N PHE A 159 19.46 -7.04 -1.03
CA PHE A 159 19.41 -8.35 -1.63
C PHE A 159 20.82 -8.90 -1.83
N LYS A 160 21.69 -8.07 -2.40
CA LYS A 160 23.07 -8.51 -2.64
C LYS A 160 23.78 -8.88 -1.35
N ALA A 161 23.47 -8.17 -0.25
CA ALA A 161 24.13 -8.48 1.03
C ALA A 161 23.68 -9.84 1.52
N ALA A 162 22.39 -10.14 1.38
CA ALA A 162 21.85 -11.42 1.80
C ALA A 162 22.44 -12.54 0.95
N LEU A 163 22.60 -12.27 -0.33
CA LEU A 163 23.17 -13.23 -1.29
C LEU A 163 24.62 -13.52 -0.94
N ALA A 164 25.37 -12.46 -0.64
CA ALA A 164 26.78 -12.60 -0.30
C ALA A 164 26.97 -13.38 1.00
N ALA A 165 26.11 -13.10 1.98
CA ALA A 165 26.17 -13.80 3.25
C ALA A 165 25.75 -15.27 3.12
N ASP A 166 24.76 -15.54 2.28
CA ASP A 166 24.23 -16.89 2.05
C ASP A 166 24.23 -17.74 3.33
N LYS A 167 23.63 -17.20 4.39
CA LYS A 167 23.76 -17.79 5.72
C LYS A 167 23.25 -19.21 5.85
N LEU A 168 22.27 -19.57 5.03
CA LEU A 168 21.66 -20.90 5.10
C LEU A 168 22.15 -21.80 3.97
N GLY A 169 23.04 -21.29 3.14
CA GLY A 169 23.52 -22.05 1.99
C GLY A 169 22.41 -22.28 0.99
N ARG A 170 21.40 -21.42 1.01
CA ARG A 170 20.26 -21.58 0.11
C ARG A 170 20.50 -21.09 -1.32
N ALA A 171 21.54 -20.27 -1.50
CA ALA A 171 21.79 -19.70 -2.83
C ALA A 171 21.95 -20.81 -3.89
N ALA A 172 22.56 -21.91 -3.47
CA ALA A 172 22.81 -23.03 -4.38
C ALA A 172 21.52 -23.52 -5.04
N ALA A 173 20.41 -23.42 -4.30
CA ALA A 173 19.12 -23.95 -4.74
C ALA A 173 18.26 -22.98 -5.55
N CYS A 174 18.72 -21.74 -5.73
CA CYS A 174 17.93 -20.75 -6.45
C CYS A 174 18.74 -19.87 -7.40
N GLN A 175 19.67 -20.49 -8.12
CA GLN A 175 20.52 -19.75 -9.05
C GLN A 175 19.71 -19.04 -10.16
N PRO A 176 18.69 -19.72 -10.72
CA PRO A 176 17.94 -19.01 -11.76
C PRO A 176 17.24 -17.77 -11.20
N GLU A 177 16.71 -17.88 -9.99
CA GLU A 177 16.00 -16.76 -9.39
C GLU A 177 16.97 -15.63 -9.09
N ILE A 178 18.10 -15.97 -8.47
CA ILE A 178 19.16 -15.00 -8.24
C ILE A 178 19.59 -14.30 -9.52
N ASP A 179 19.85 -15.07 -10.58
CA ASP A 179 20.36 -14.47 -11.80
C ASP A 179 19.32 -13.57 -12.46
N PHE A 180 18.05 -13.88 -12.26
CA PHE A 180 16.99 -13.01 -12.75
C PHE A 180 17.15 -11.62 -12.12
N TYR A 181 17.33 -11.56 -10.80
CA TYR A 181 17.47 -10.26 -10.17
C TYR A 181 18.82 -9.59 -10.47
N LEU A 182 19.89 -10.36 -10.57
CA LEU A 182 21.18 -9.76 -10.91
C LEU A 182 21.14 -9.17 -12.33
N SER A 183 20.49 -9.87 -13.26
CA SER A 183 20.51 -9.47 -14.66
C SER A 183 19.65 -8.23 -14.91
N HIS A 184 18.72 -7.96 -14.02
CA HIS A 184 17.85 -6.79 -14.15
C HIS A 184 18.38 -5.54 -13.44
N ALA A 185 19.61 -5.63 -12.95
CA ALA A 185 20.21 -4.58 -12.12
C ALA A 185 20.11 -3.15 -12.66
N ASP A 186 20.29 -2.95 -13.97
CA ASP A 186 20.27 -1.58 -14.48
C ASP A 186 18.88 -0.97 -14.61
N GLN A 187 17.85 -1.73 -14.23
CA GLN A 187 16.48 -1.21 -14.27
C GLN A 187 15.97 -0.63 -12.95
N TYR A 188 16.66 -0.91 -11.86
CA TYR A 188 16.11 -0.62 -10.53
C TYR A 188 16.05 0.87 -10.16
N ALA A 189 16.88 1.70 -10.79
CA ALA A 189 17.01 3.10 -10.40
C ALA A 189 16.12 4.06 -11.20
N VAL A 190 15.31 3.54 -12.11
CA VAL A 190 14.55 4.39 -13.02
C VAL A 190 13.69 5.45 -12.33
N VAL A 191 12.94 5.06 -11.30
CA VAL A 191 12.05 6.02 -10.64
C VAL A 191 12.77 6.89 -9.60
N MSE A 192 13.70 6.30 -8.85
CA MSE A 192 14.50 7.07 -7.90
C MSE A 192 15.31 8.16 -8.63
O MSE A 192 15.41 9.30 -8.14
CB MSE A 192 15.41 6.17 -7.09
CG MSE A 192 14.67 5.22 -6.15
SE MSE A 192 13.63 6.12 -4.75
CE MSE A 192 15.13 6.86 -3.71
N ASP A 193 15.88 7.81 -9.78
CA ASP A 193 16.62 8.78 -10.61
C ASP A 193 15.67 9.88 -11.06
N GLY A 194 14.46 9.51 -11.48
CA GLY A 194 13.48 10.49 -11.93
C GLY A 194 13.03 11.45 -10.85
N LEU A 195 12.86 10.95 -9.62
CA LEU A 195 12.46 11.79 -8.50
C LEU A 195 13.60 12.74 -8.16
N ARG A 196 14.80 12.21 -8.28
CA ARG A 196 16.03 12.88 -7.93
C ARG A 196 16.28 14.09 -8.84
N ASP A 197 16.10 13.90 -10.15
CA ASP A 197 16.37 14.97 -11.11
C ASP A 197 15.14 15.82 -11.45
N GLY A 198 14.02 15.51 -10.82
CA GLY A 198 12.82 16.31 -10.98
C GLY A 198 11.96 15.97 -12.18
N SER A 199 12.32 14.93 -12.93
CA SER A 199 11.51 14.53 -14.09
C SER A 199 10.27 13.73 -13.67
N ILE A 200 10.24 13.31 -12.41
CA ILE A 200 9.07 12.63 -11.84
C ILE A 200 8.67 13.36 -10.57
N PRO A 201 7.42 13.84 -10.53
CA PRO A 201 6.90 14.62 -9.39
C PRO A 201 6.99 13.85 -8.07
N LEU A 202 7.40 14.54 -7.01
CA LEU A 202 7.30 13.96 -5.67
C LEU A 202 5.84 14.11 -5.27
N ARG A 203 5.25 13.02 -4.80
CA ARG A 203 3.83 13.01 -4.42
C ARG A 203 3.66 12.25 -3.12
N VAL A 204 2.47 12.33 -2.52
CA VAL A 204 2.14 11.50 -1.39
C VAL A 204 2.06 10.07 -1.91
N THR A 205 2.58 9.12 -1.14
CA THR A 205 2.38 7.70 -1.42
C THR A 205 1.78 7.01 -0.21
N HIS A 206 0.90 6.04 -0.47
CA HIS A 206 0.20 5.32 0.59
C HIS A 206 0.99 4.08 1.03
N ASN A 207 1.52 3.34 0.07
CA ASN A 207 2.40 2.19 0.33
C ASN A 207 1.77 0.92 0.86
N ASP A 208 0.45 0.92 1.04
CA ASP A 208 -0.28 -0.32 1.27
C ASP A 208 -1.63 -0.27 0.55
N THR A 209 -1.56 -0.25 -0.77
CA THR A 209 -2.73 -0.03 -1.63
C THR A 209 -3.64 -1.26 -1.82
N LYS A 210 -3.47 -2.25 -0.96
CA LYS A 210 -4.31 -3.44 -1.01
C LYS A 210 -5.80 -3.10 -0.89
N LEU A 211 -6.65 -3.91 -1.51
CA LEU A 211 -8.08 -3.59 -1.52
C LEU A 211 -8.71 -3.55 -0.14
N ASN A 212 -8.13 -4.26 0.83
CA ASN A 212 -8.69 -4.21 2.18
C ASN A 212 -8.48 -2.87 2.87
N ASN A 213 -7.78 -1.97 2.20
CA ASN A 213 -7.66 -0.59 2.66
C ASN A 213 -8.48 0.42 1.87
N ILE A 214 -9.37 -0.07 1.01
CA ILE A 214 -10.25 0.78 0.23
C ILE A 214 -11.69 0.46 0.60
N LEU A 215 -12.32 1.34 1.36
CA LEU A 215 -13.70 1.13 1.76
C LEU A 215 -14.61 1.59 0.64
N MSE A 216 -15.54 0.74 0.26
CA MSE A 216 -16.48 1.12 -0.79
C MSE A 216 -17.89 1.12 -0.22
O MSE A 216 -18.16 0.53 0.83
CB MSE A 216 -16.34 0.21 -1.99
CG MSE A 216 -14.96 0.35 -2.66
SE MSE A 216 -14.71 -1.10 -3.88
CE MSE A 216 -12.76 -0.93 -4.15
N ASP A 217 -18.80 1.82 -0.89
CA ASP A 217 -20.13 1.97 -0.34
C ASP A 217 -20.88 0.64 -0.33
N ALA A 218 -21.56 0.35 0.77
CA ALA A 218 -22.25 -0.92 0.95
C ALA A 218 -23.39 -1.15 -0.04
N THR A 219 -23.92 -0.08 -0.59
CA THR A 219 -25.01 -0.20 -1.57
C THR A 219 -24.55 0.01 -3.00
N THR A 220 -23.83 1.11 -3.25
CA THR A 220 -23.48 1.46 -4.63
C THR A 220 -22.22 0.75 -5.08
N GLY A 221 -21.41 0.32 -4.13
CA GLY A 221 -20.14 -0.31 -4.45
C GLY A 221 -19.09 0.70 -4.87
N LYS A 222 -19.43 1.99 -4.80
CA LYS A 222 -18.49 3.03 -5.25
C LYS A 222 -17.48 3.33 -4.16
N ALA A 223 -16.27 3.72 -4.58
CA ALA A 223 -15.23 4.06 -3.61
C ALA A 223 -15.72 5.12 -2.64
N ARG A 224 -15.41 4.94 -1.35
CA ARG A 224 -15.75 5.93 -0.32
C ARG A 224 -14.51 6.56 0.32
N ALA A 225 -13.59 5.74 0.81
CA ALA A 225 -12.44 6.30 1.50
C ALA A 225 -11.24 5.36 1.53
N ILE A 226 -10.06 5.96 1.56
CA ILE A 226 -8.83 5.21 1.77
C ILE A 226 -8.49 5.22 3.25
N ILE A 227 -8.24 4.04 3.83
CA ILE A 227 -7.89 3.93 5.25
C ILE A 227 -6.49 3.37 5.40
N ASP A 228 -6.11 3.01 6.63
CA ASP A 228 -4.81 2.38 6.91
C ASP A 228 -3.66 3.29 6.45
N LEU A 229 -3.53 4.43 7.12
CA LEU A 229 -2.60 5.46 6.68
C LEU A 229 -1.26 5.40 7.39
N ASP A 230 -0.98 4.26 8.03
CA ASP A 230 0.28 4.05 8.77
C ASP A 230 1.53 4.28 7.92
N THR A 231 1.45 3.97 6.63
CA THR A 231 2.65 4.00 5.79
C THR A 231 2.70 5.17 4.81
N ILE A 232 1.90 6.20 5.06
CA ILE A 232 1.98 7.45 4.29
C ILE A 232 3.42 7.99 4.31
N MSE A 233 3.98 8.27 3.12
CA MSE A 233 5.36 8.76 2.98
C MSE A 233 5.47 9.52 1.67
O MSE A 233 4.63 9.39 0.78
CB MSE A 233 6.36 7.61 2.95
CG MSE A 233 6.40 6.71 4.17
SE MSE A 233 7.82 5.37 3.93
CE MSE A 233 6.71 3.84 3.46
N PRO A 234 6.55 10.30 1.50
CA PRO A 234 6.79 10.87 0.18
C PRO A 234 7.30 9.79 -0.78
N GLY A 235 7.09 10.00 -2.07
CA GLY A 235 7.57 9.08 -3.08
C GLY A 235 7.04 9.47 -4.44
N SER A 236 6.95 8.49 -5.34
CA SER A 236 6.29 8.69 -6.61
C SER A 236 5.00 7.89 -6.58
N MSE A 237 3.93 8.41 -7.17
CA MSE A 237 2.68 7.66 -7.23
C MSE A 237 2.87 6.37 -8.00
O MSE A 237 2.07 5.44 -7.86
CB MSE A 237 1.56 8.49 -7.85
CG MSE A 237 1.88 8.97 -9.25
SE MSE A 237 1.38 7.69 -10.65
CE MSE A 237 0.89 9.01 -12.00
N LEU A 238 3.94 6.29 -8.79
CA LEU A 238 4.25 5.07 -9.53
C LEU A 238 4.51 3.91 -8.58
N PHE A 239 5.00 4.22 -7.37
CA PHE A 239 5.22 3.19 -6.36
C PHE A 239 3.90 2.53 -5.97
N ASP A 240 2.85 3.35 -5.85
CA ASP A 240 1.54 2.84 -5.45
C ASP A 240 0.85 2.16 -6.62
N PHE A 241 0.91 2.79 -7.80
CA PHE A 241 0.27 2.23 -8.99
C PHE A 241 0.91 0.89 -9.32
N GLY A 242 2.24 0.87 -9.31
CA GLY A 242 3.00 -0.33 -9.66
C GLY A 242 2.71 -1.48 -8.75
N ASP A 243 2.59 -1.20 -7.46
CA ASP A 243 2.33 -2.25 -6.47
C ASP A 243 0.89 -2.78 -6.62
N SER A 244 -0.06 -1.91 -6.96
CA SER A 244 -1.43 -2.34 -7.17
C SER A 244 -1.50 -3.29 -8.35
N ILE A 245 -0.73 -2.99 -9.39
CA ILE A 245 -0.68 -3.85 -10.56
C ILE A 245 -0.03 -5.15 -10.14
N ARG A 246 1.02 -5.07 -9.32
CA ARG A 246 1.70 -6.27 -8.87
C ARG A 246 0.77 -7.30 -8.25
N PHE A 247 0.04 -6.90 -7.21
CA PHE A 247 -0.83 -7.87 -6.55
C PHE A 247 -2.18 -8.03 -7.26
N GLY A 248 -2.64 -6.97 -7.91
CA GLY A 248 -4.03 -6.92 -8.37
C GLY A 248 -4.28 -7.37 -9.80
N ALA A 249 -3.27 -7.25 -10.65
CA ALA A 249 -3.41 -7.70 -12.05
C ALA A 249 -2.89 -9.12 -12.26
N SER A 250 -2.53 -9.80 -11.18
CA SER A 250 -2.18 -11.22 -11.25
C SER A 250 -3.45 -12.07 -11.23
N THR A 251 -3.42 -13.14 -12.03
CA THR A 251 -4.50 -14.12 -12.02
C THR A 251 -4.34 -15.11 -10.87
N ALA A 252 -3.36 -14.87 -10.00
CA ALA A 252 -3.07 -15.83 -8.93
C ALA A 252 -2.65 -15.21 -7.63
N LEU A 253 -2.64 -16.04 -6.58
CA LEU A 253 -2.14 -15.61 -5.31
C LEU A 253 -0.64 -15.41 -5.43
N GLU A 254 -0.12 -14.59 -4.54
CA GLU A 254 1.29 -14.26 -4.46
C GLU A 254 2.13 -15.50 -4.18
N ASP A 255 1.55 -16.49 -3.51
CA ASP A 255 2.28 -17.72 -3.21
C ASP A 255 1.74 -18.97 -3.91
N GLU A 256 1.22 -18.78 -5.13
CA GLU A 256 0.79 -19.90 -5.96
C GLU A 256 1.96 -20.78 -6.42
N LYS A 257 1.85 -22.10 -6.19
CA LYS A 257 2.92 -23.04 -6.53
C LYS A 257 2.94 -23.48 -7.99
N ASP A 258 1.77 -23.46 -8.63
CA ASP A 258 1.66 -23.85 -10.03
C ASP A 258 1.82 -22.61 -10.89
N LEU A 259 3.01 -22.44 -11.48
CA LEU A 259 3.31 -21.25 -12.27
C LEU A 259 2.55 -21.19 -13.59
N SER A 260 1.90 -22.29 -13.97
CA SER A 260 1.09 -22.28 -15.17
C SER A 260 -0.18 -21.46 -14.93
N LYS A 261 -0.51 -21.27 -13.66
CA LYS A 261 -1.71 -20.51 -13.28
C LYS A 261 -1.43 -19.02 -13.05
N VAL A 262 -0.16 -18.67 -12.95
CA VAL A 262 0.25 -17.29 -12.69
C VAL A 262 0.44 -16.53 -14.00
N HIS A 263 -0.39 -15.51 -14.20
CA HIS A 263 -0.33 -14.69 -15.39
C HIS A 263 -0.55 -13.22 -15.06
N PHE A 264 0.03 -12.35 -15.86
CA PHE A 264 -0.22 -10.92 -15.78
C PHE A 264 -1.41 -10.64 -16.71
N SER A 265 -2.52 -10.18 -16.14
CA SER A 265 -3.74 -9.96 -16.90
C SER A 265 -3.82 -8.53 -17.41
N THR A 266 -3.76 -8.36 -18.73
CA THR A 266 -3.85 -7.03 -19.33
C THR A 266 -5.26 -6.46 -19.18
N GLU A 267 -6.25 -7.34 -19.01
CA GLU A 267 -7.61 -6.89 -18.76
C GLU A 267 -7.72 -6.22 -17.40
N LEU A 268 -7.04 -6.79 -16.41
CA LEU A 268 -7.07 -6.17 -15.08
C LEU A 268 -6.20 -4.91 -15.07
N PHE A 269 -5.09 -4.95 -15.80
CA PHE A 269 -4.26 -3.77 -15.97
C PHE A 269 -5.08 -2.65 -16.58
N ARG A 270 -5.82 -2.94 -17.64
CA ARG A 270 -6.64 -1.90 -18.26
C ARG A 270 -7.67 -1.39 -17.28
N ALA A 271 -8.29 -2.28 -16.54
CA ALA A 271 -9.33 -1.89 -15.58
C ALA A 271 -8.80 -0.91 -14.52
N TYR A 272 -7.66 -1.23 -13.91
CA TYR A 272 -7.11 -0.36 -12.89
C TYR A 272 -6.73 1.00 -13.47
N THR A 273 -6.11 0.96 -14.64
CA THR A 273 -5.60 2.17 -15.31
C THR A 273 -6.76 3.09 -15.71
N GLU A 274 -7.86 2.49 -16.18
CA GLU A 274 -9.06 3.27 -16.52
C GLU A 274 -9.57 4.05 -15.32
N GLY A 275 -9.65 3.38 -14.17
CA GLY A 275 -10.17 4.01 -12.97
C GLY A 275 -9.21 5.08 -12.47
N PHE A 276 -7.93 4.72 -12.45
CA PHE A 276 -6.89 5.57 -11.89
C PHE A 276 -6.68 6.84 -12.72
N VAL A 277 -6.37 6.65 -14.00
CA VAL A 277 -6.15 7.77 -14.93
C VAL A 277 -7.41 8.60 -15.10
N GLY A 278 -8.58 7.95 -14.98
CA GLY A 278 -9.84 8.65 -15.08
C GLY A 278 -10.00 9.74 -14.03
N GLU A 279 -9.35 9.55 -12.89
CA GLU A 279 -9.45 10.53 -11.80
C GLU A 279 -8.25 11.48 -11.75
N LEU A 280 -7.15 11.12 -12.42
CA LEU A 280 -5.90 11.86 -12.27
C LEU A 280 -5.42 12.49 -13.58
N ARG A 281 -6.26 12.46 -14.61
CA ARG A 281 -5.88 12.93 -15.95
C ARG A 281 -5.32 14.35 -15.98
N GLY A 282 -5.82 15.22 -15.11
CA GLY A 282 -5.42 16.62 -15.10
C GLY A 282 -4.12 16.88 -14.38
N SER A 283 -3.55 15.87 -13.74
CA SER A 283 -2.34 16.03 -12.94
C SER A 283 -1.19 15.15 -13.41
N ILE A 284 -1.49 13.96 -13.90
CA ILE A 284 -0.45 13.03 -14.33
C ILE A 284 0.43 13.66 -15.40
N THR A 285 1.75 13.51 -15.27
CA THR A 285 2.67 14.07 -16.25
C THR A 285 2.94 13.08 -17.38
N ALA A 286 3.54 13.56 -18.46
CA ALA A 286 3.85 12.70 -19.59
C ALA A 286 4.82 11.60 -19.17
N ARG A 287 5.79 11.95 -18.34
CA ARG A 287 6.80 11.00 -17.90
C ARG A 287 6.16 9.93 -17.00
N GLU A 288 5.25 10.37 -16.13
CA GLU A 288 4.53 9.44 -15.26
C GLU A 288 3.71 8.46 -16.08
N ALA A 289 2.95 8.98 -17.03
CA ALA A 289 2.15 8.14 -17.93
C ALA A 289 3.03 7.14 -18.67
N GLU A 290 4.20 7.62 -19.11
CA GLU A 290 5.15 6.82 -19.88
C GLU A 290 5.60 5.61 -19.06
N LEU A 291 5.68 5.80 -17.74
CA LEU A 291 6.22 4.79 -16.83
C LEU A 291 5.16 3.93 -16.14
N LEU A 292 3.88 4.12 -16.46
CA LEU A 292 2.83 3.34 -15.79
C LEU A 292 3.04 1.83 -15.98
N PRO A 293 3.21 1.36 -17.22
CA PRO A 293 3.47 -0.08 -17.37
C PRO A 293 4.75 -0.52 -16.65
N PHE A 294 5.84 0.22 -16.81
CA PHE A 294 7.10 -0.21 -16.20
C PHE A 294 7.04 -0.20 -14.68
N SER A 295 6.18 0.66 -14.10
CA SER A 295 6.06 0.70 -12.64
C SER A 295 5.60 -0.65 -12.10
N GLY A 296 4.75 -1.34 -12.87
CA GLY A 296 4.41 -2.72 -12.58
C GLY A 296 5.65 -3.61 -12.50
N ASN A 297 6.50 -3.58 -13.53
CA ASN A 297 7.73 -4.36 -13.51
C ASN A 297 8.54 -4.03 -12.26
N LEU A 298 8.69 -2.74 -11.99
CA LEU A 298 9.62 -2.31 -10.97
C LEU A 298 9.19 -2.78 -9.60
N LEU A 299 7.93 -2.55 -9.25
CA LEU A 299 7.46 -2.89 -7.92
C LEU A 299 7.31 -4.39 -7.75
N THR A 300 7.07 -5.11 -8.84
CA THR A 300 7.00 -6.57 -8.78
C THR A 300 8.40 -7.15 -8.60
N MSE A 301 9.38 -6.59 -9.30
CA MSE A 301 10.77 -6.99 -9.09
C MSE A 301 11.24 -6.65 -7.68
O MSE A 301 11.98 -7.42 -7.06
CB MSE A 301 11.70 -6.36 -10.13
CG MSE A 301 11.49 -6.92 -11.51
SE MSE A 301 12.84 -6.32 -12.78
CE MSE A 301 12.43 -4.41 -12.79
N GLU A 302 10.83 -5.49 -7.17
CA GLU A 302 11.27 -5.12 -5.82
C GLU A 302 10.70 -6.08 -4.80
N CYS A 303 9.43 -6.42 -4.98
CA CYS A 303 8.78 -7.32 -4.03
C CYS A 303 9.43 -8.70 -4.12
N GLY A 304 9.64 -9.17 -5.35
CA GLY A 304 10.25 -10.46 -5.57
C GLY A 304 11.63 -10.56 -4.98
N MSE A 305 12.46 -9.54 -5.20
CA MSE A 305 13.81 -9.59 -4.64
C MSE A 305 13.76 -9.60 -3.12
O MSE A 305 14.55 -10.29 -2.48
CB MSE A 305 14.69 -8.46 -5.17
CG MSE A 305 14.44 -7.12 -4.49
SE MSE A 305 15.61 -5.74 -5.24
CE MSE A 305 14.97 -5.78 -7.07
N ARG A 306 12.81 -8.87 -2.52
CA ARG A 306 12.69 -8.92 -1.05
C ARG A 306 12.29 -10.31 -0.54
N PHE A 307 11.37 -10.99 -1.23
CA PHE A 307 11.02 -12.37 -0.87
C PHE A 307 12.26 -13.26 -0.96
N LEU A 308 13.00 -13.16 -2.06
CA LEU A 308 14.20 -13.99 -2.25
C LEU A 308 15.29 -13.68 -1.24
N ALA A 309 15.51 -12.40 -0.95
CA ALA A 309 16.47 -12.01 0.08
C ALA A 309 16.08 -12.63 1.41
N ASP A 310 14.79 -12.60 1.74
CA ASP A 310 14.33 -13.17 3.00
C ASP A 310 14.58 -14.68 3.02
N TYR A 311 14.28 -15.35 1.92
CA TYR A 311 14.57 -16.79 1.77
C TYR A 311 16.03 -17.06 2.09
N LEU A 312 16.91 -16.28 1.47
CA LEU A 312 18.35 -16.43 1.70
C LEU A 312 18.79 -16.13 3.13
N GLU A 313 18.03 -15.31 3.84
CA GLU A 313 18.38 -14.89 5.20
C GLU A 313 17.67 -15.68 6.29
N GLY A 314 16.96 -16.75 5.92
CA GLY A 314 16.25 -17.55 6.90
C GLY A 314 14.89 -17.00 7.31
N ASP A 315 14.23 -16.29 6.40
CA ASP A 315 12.83 -15.93 6.60
C ASP A 315 12.56 -15.13 7.86
N ILE A 316 13.23 -13.99 7.99
CA ILE A 316 13.17 -13.16 9.20
C ILE A 316 12.21 -11.97 9.09
N TYR A 317 11.79 -11.65 7.87
CA TYR A 317 10.93 -10.48 7.64
C TYR A 317 9.47 -10.86 7.35
N PHE A 318 9.27 -11.78 6.41
CA PHE A 318 7.91 -12.19 6.06
C PHE A 318 7.51 -13.47 6.78
N ALA A 319 6.25 -13.55 7.20
CA ALA A 319 5.73 -14.80 7.75
C ALA A 319 5.77 -15.90 6.69
N THR A 320 6.12 -17.11 7.12
CA THR A 320 6.16 -18.27 6.24
C THR A 320 5.45 -19.43 6.89
N LYS A 321 5.04 -20.40 6.09
CA LYS A 321 4.23 -21.50 6.57
C LYS A 321 4.96 -22.82 6.35
N TYR A 322 5.90 -22.79 5.41
CA TYR A 322 6.77 -23.93 5.12
C TYR A 322 8.12 -23.37 4.67
N PRO A 323 9.17 -24.20 4.74
CA PRO A 323 10.56 -23.79 4.48
C PRO A 323 10.77 -23.01 3.18
N GLU A 324 10.08 -23.39 2.11
CA GLU A 324 10.33 -22.78 0.80
C GLU A 324 9.30 -21.71 0.42
N HIS A 325 8.54 -21.24 1.39
CA HIS A 325 7.45 -20.29 1.15
C HIS A 325 7.93 -19.04 0.40
N ASN A 326 9.00 -18.41 0.89
CA ASN A 326 9.50 -17.21 0.22
C ASN A 326 10.06 -17.47 -1.16
N LEU A 327 10.52 -18.69 -1.41
CA LEU A 327 11.03 -19.04 -2.73
C LEU A 327 9.84 -19.19 -3.68
N VAL A 328 8.78 -19.78 -3.18
CA VAL A 328 7.56 -19.92 -3.99
C VAL A 328 7.01 -18.53 -4.33
N ARG A 329 7.09 -17.63 -3.35
CA ARG A 329 6.62 -16.25 -3.56
C ARG A 329 7.47 -15.53 -4.59
N THR A 330 8.79 -15.61 -4.49
CA THR A 330 9.62 -14.94 -5.48
C THR A 330 9.38 -15.45 -6.90
N ARG A 331 9.04 -16.72 -7.04
CA ARG A 331 8.85 -17.27 -8.36
C ARG A 331 7.60 -16.72 -9.06
N THR A 332 6.56 -16.41 -8.29
CA THR A 332 5.35 -15.81 -8.91
C THR A 332 5.66 -14.41 -9.39
N GLN A 333 6.45 -13.68 -8.60
CA GLN A 333 6.81 -12.32 -8.98
C GLN A 333 7.67 -12.30 -10.24
N ILE A 334 8.56 -13.28 -10.36
CA ILE A 334 9.37 -13.42 -11.56
C ILE A 334 8.48 -13.73 -12.78
N LYS A 335 7.57 -14.67 -12.63
CA LYS A 335 6.66 -15.03 -13.74
C LYS A 335 5.88 -13.79 -14.19
N LEU A 336 5.36 -13.04 -13.22
CA LEU A 336 4.58 -11.84 -13.52
C LEU A 336 5.41 -10.81 -14.29
N VAL A 337 6.65 -10.54 -13.86
CA VAL A 337 7.48 -9.56 -14.56
C VAL A 337 7.79 -9.98 -16.01
N GLN A 338 8.08 -11.25 -16.20
CA GLN A 338 8.41 -11.71 -17.55
C GLN A 338 7.21 -11.53 -18.48
N GLU A 339 6.01 -11.80 -17.99
CA GLU A 339 4.80 -11.53 -18.79
C GLU A 339 4.59 -10.04 -19.05
N MSE A 340 4.91 -9.20 -18.06
CA MSE A 340 4.78 -7.76 -18.26
C MSE A 340 5.77 -7.29 -19.31
O MSE A 340 5.43 -6.43 -20.13
CB MSE A 340 5.04 -7.01 -16.96
CG MSE A 340 4.01 -7.27 -15.89
SE MSE A 340 4.46 -6.31 -14.23
CE MSE A 340 3.16 -7.11 -13.06
N GLU A 341 6.98 -7.84 -19.29
CA GLU A 341 8.01 -7.52 -20.27
C GLU A 341 7.53 -7.91 -21.66
N GLN A 342 6.85 -9.05 -21.76
CA GLN A 342 6.45 -9.59 -23.07
C GLN A 342 5.16 -8.95 -23.58
N LYS A 343 4.45 -8.24 -22.72
CA LYS A 343 3.20 -7.59 -23.12
C LYS A 343 3.32 -6.09 -23.14
N ALA A 344 4.56 -5.60 -23.15
CA ALA A 344 4.84 -4.18 -23.13
C ALA A 344 4.18 -3.44 -24.29
N SER A 345 4.10 -4.09 -25.45
CA SER A 345 3.40 -3.49 -26.58
C SER A 345 1.95 -3.22 -26.22
N GLU A 346 1.28 -4.22 -25.66
CA GLU A 346 -0.12 -4.10 -25.29
C GLU A 346 -0.36 -3.02 -24.24
N THR A 347 0.40 -3.07 -23.15
CA THR A 347 0.18 -2.13 -22.05
C THR A 347 0.51 -0.69 -22.45
N ARG A 348 1.53 -0.52 -23.28
CA ARG A 348 1.85 0.82 -23.78
C ARG A 348 0.65 1.36 -24.54
N ALA A 349 0.08 0.52 -25.40
CA ALA A 349 -1.09 0.91 -26.19
C ALA A 349 -2.31 1.15 -25.30
N ILE A 350 -2.48 0.31 -24.28
CA ILE A 350 -3.58 0.47 -23.33
C ILE A 350 -3.51 1.84 -22.63
N VAL A 351 -2.33 2.22 -22.15
CA VAL A 351 -2.17 3.49 -21.45
C VAL A 351 -2.40 4.68 -22.39
N ALA A 352 -1.81 4.62 -23.58
CA ALA A 352 -1.98 5.70 -24.55
C ALA A 352 -3.46 5.92 -24.90
N ASP A 353 -4.20 4.82 -25.04
CA ASP A 353 -5.62 4.89 -25.34
C ASP A 353 -6.41 5.49 -24.18
N ILE A 354 -6.07 5.12 -22.95
CA ILE A 354 -6.80 5.59 -21.80
C ILE A 354 -6.49 7.04 -21.54
N MSE A 355 -5.25 7.43 -21.82
CA MSE A 355 -4.84 8.82 -21.65
C MSE A 355 -5.63 9.73 -22.59
O MSE A 355 -6.10 10.80 -22.21
CB MSE A 355 -3.34 8.98 -21.90
CG MSE A 355 -2.45 8.48 -20.76
SE MSE A 355 -2.48 9.65 -19.21
CE MSE A 355 -1.31 11.06 -19.90
N GLU A 356 -5.78 9.27 -23.84
CA GLU A 356 -6.50 10.06 -24.83
C GLU A 356 -7.99 10.13 -24.49
N ALA A 357 -8.56 8.98 -24.11
CA ALA A 357 -9.98 8.91 -23.75
C ALA A 357 -10.34 9.80 -22.55
N ALA A 358 -9.58 9.66 -21.46
CA ALA A 358 -9.76 10.54 -20.31
C ALA A 358 -9.62 12.00 -20.75
N ARG A 359 -8.83 12.20 -21.80
CA ARG A 359 -8.84 13.43 -22.61
C ARG A 359 -7.71 14.40 -22.29
PG ATP B . -3.38 -4.24 8.37
O1G ATP B . -2.16 -3.42 7.95
O2G ATP B . -3.14 -5.72 8.40
O3G ATP B . -4.69 -3.83 7.72
PB ATP B . -3.99 -2.36 10.36
O1B ATP B . -3.87 -2.32 11.86
O2B ATP B . -3.19 -1.38 9.54
O3B ATP B . -3.66 -3.85 9.90
PA ATP B . -6.46 -1.14 9.29
O1A ATP B . -6.37 0.20 9.95
O2A ATP B . -6.16 -1.31 7.81
O3A ATP B . -5.59 -2.24 10.11
O5' ATP B . -7.92 -1.77 9.50
C5' ATP B . -8.24 -2.69 10.54
C4' ATP B . -9.73 -3.02 10.43
O4' ATP B . -10.50 -1.87 10.78
C3' ATP B . -10.13 -3.37 9.01
O3' ATP B . -11.17 -4.35 9.12
C2' ATP B . -10.76 -2.12 8.44
O2' ATP B . -11.85 -2.48 7.61
C1' ATP B . -11.33 -1.46 9.67
N9 ATP B . -11.24 0.01 9.77
C8 ATP B . -10.11 0.68 10.01
N7 ATP B . -10.35 2.00 10.12
C5 ATP B . -11.68 2.18 9.95
C6 ATP B . -12.59 3.34 9.95
N6 ATP B . -12.13 4.59 10.15
N1 ATP B . -13.90 3.09 9.75
C2 ATP B . -14.38 1.84 9.55
N3 ATP B . -13.61 0.74 9.54
C4 ATP B . -12.28 0.85 9.73
MG MG C . -5.36 -2.40 6.49
MG MG D . -2.00 -1.33 7.98
C1 GOL E . -15.46 -1.39 7.45
O1 GOL E . -14.96 -1.56 8.76
C2 GOL E . -15.65 -2.80 6.89
O2 GOL E . -14.48 -3.56 7.11
C3 GOL E . -15.89 -2.75 5.39
O3 GOL E . -15.12 -3.83 4.91
C1 GOL F . 11.85 6.23 -1.23
O1 GOL F . 12.86 5.90 -0.31
C2 GOL F . 10.69 6.82 -0.43
O2 GOL F . 9.68 7.23 -1.34
C3 GOL F . 10.11 5.72 0.48
O3 GOL F . 9.50 4.73 -0.32
C1 GOL G . 2.81 -3.58 1.85
O1 GOL G . 2.51 -2.33 2.43
C2 GOL G . 1.86 -3.88 0.70
O2 GOL G . 0.67 -4.41 1.24
C3 GOL G . 2.51 -4.91 -0.23
O3 GOL G . 1.88 -4.92 -1.49
C1 GOL H . -11.63 7.98 -2.25
O1 GOL H . -10.29 8.06 -2.71
C2 GOL H . -12.59 8.52 -3.30
O2 GOL H . -12.83 7.52 -4.28
C3 GOL H . -13.91 8.95 -2.64
O3 GOL H . -14.85 9.38 -3.62
C1 GOL I . 13.31 10.45 -2.09
O1 GOL I . 14.30 10.77 -1.13
C2 GOL I . 11.98 10.20 -1.39
O2 GOL I . 11.00 9.89 -2.34
C3 GOL I . 11.58 11.43 -0.57
O3 GOL I . 11.75 11.15 0.81
C ACY J . 2.66 -2.29 7.05
O ACY J . 1.90 -1.52 7.69
OXT ACY J . 2.52 -2.59 5.83
CH3 ACY J . 3.82 -2.86 7.81
C ACY K . 10.67 16.90 6.11
O ACY K . 10.41 17.67 7.06
OXT ACY K . 10.57 15.64 6.15
CH3 ACY K . 11.14 17.51 4.83
H1 ACY K . 11.20 16.75 4.06
H2 ACY K . 12.13 17.94 4.98
H3 ACY K . 10.45 18.29 4.52
#